data_3QIJ
#
_entry.id   3QIJ
#
_cell.length_a   62.001
_cell.length_b   53.469
_cell.length_c   88.766
_cell.angle_alpha   90.000
_cell.angle_beta   106.960
_cell.angle_gamma   90.000
#
_symmetry.space_group_name_H-M   'P 1 21 1'
#
loop_
_entity.id
_entity.type
_entity.pdbx_description
1 polymer 'Protein 4.1'
2 non-polymer 'UNKNOWN ATOM OR ION'
3 water water
#
_entity_poly.entity_id   1
_entity_poly.type   'polypeptide(L)'
_entity_poly.pdbx_seq_one_letter_code
;MHHHHHHSSGRENLYFQGHCKVSLLDDTVYECVVEKHAKGQDLLKRVCEHLNLLEEDYFGLAIWDNATSKTWLDSAKEIK
KQVRGVPWNFTFNVKFYPPDPAQLTEDITRYYLCLQLRQDIVAGRLPCSFATLALLGSYTIQSELGDYDPELHGVDYVSD
FKLAPNQTKELEEKVMELHKSYRSMTPAQADLEFLENAKKLSMYGVDLHKAKDLEGVDIILGVCSSGLLVYKDKLRINRF
PWPKVLKISYKRSSFFIKIRPGEQEQYESTIGFKLPSYRAAKKLWKVCVEHHTFFR
;
_entity_poly.pdbx_strand_id   A,B
#
loop_
_chem_comp.id
_chem_comp.type
_chem_comp.name
_chem_comp.formula
UNX non-polymer 'UNKNOWN ATOM OR ION' ?
#
# COMPACT_ATOMS: atom_id res chain seq x y z
N GLN A 17 -14.41 -6.02 26.75
CA GLN A 17 -15.74 -6.57 26.32
C GLN A 17 -16.82 -5.52 26.52
N GLY A 18 -17.49 -5.13 25.42
CA GLY A 18 -18.50 -4.07 25.47
C GLY A 18 -17.97 -2.77 24.92
N HIS A 19 -16.64 -2.66 24.81
CA HIS A 19 -16.00 -1.50 24.19
C HIS A 19 -15.91 -1.78 22.72
N CYS A 20 -16.63 -0.96 21.94
CA CYS A 20 -16.79 -1.16 20.50
C CYS A 20 -15.95 -0.11 19.79
N LYS A 21 -15.31 -0.55 18.71
CA LYS A 21 -14.39 0.26 17.95
C LYS A 21 -14.82 0.04 16.49
N VAL A 22 -15.44 1.04 15.89
CA VAL A 22 -16.01 0.95 14.55
C VAL A 22 -15.25 1.82 13.52
N SER A 23 -14.59 1.20 12.54
CA SER A 23 -13.89 1.96 11.49
C SER A 23 -14.88 2.45 10.46
N LEU A 24 -15.08 3.77 10.40
CA LEU A 24 -16.00 4.41 9.43
C LEU A 24 -15.37 4.50 8.03
N LEU A 25 -16.18 4.90 7.03
CA LEU A 25 -15.75 4.83 5.62
C LEU A 25 -14.70 5.90 5.26
N ASP A 26 -14.71 7.01 6.01
CA ASP A 26 -13.69 8.08 5.90
C ASP A 26 -12.44 7.80 6.74
N ASP A 27 -12.29 6.55 7.19
CA ASP A 27 -11.14 6.06 7.97
C ASP A 27 -11.08 6.57 9.43
N THR A 28 -12.00 7.45 9.80
CA THR A 28 -12.16 7.81 11.20
C THR A 28 -12.72 6.61 12.02
N VAL A 29 -12.28 6.49 13.28
CA VAL A 29 -12.76 5.44 14.18
C VAL A 29 -13.76 6.01 15.21
N TYR A 30 -14.90 5.34 15.35
CA TYR A 30 -15.91 5.69 16.34
C TYR A 30 -15.88 4.64 17.46
N GLU A 31 -15.91 5.08 18.70
CA GLU A 31 -15.85 4.19 19.82
C GLU A 31 -17.06 4.42 20.73
N CYS A 32 -17.70 3.36 21.19
CA CYS A 32 -18.73 3.49 22.23
C CYS A 32 -18.69 2.28 23.13
N VAL A 33 -19.44 2.34 24.23
CA VAL A 33 -19.55 1.21 25.14
C VAL A 33 -21.01 0.75 25.12
N VAL A 34 -21.24 -0.52 24.85
CA VAL A 34 -22.59 -1.08 24.96
C VAL A 34 -22.65 -2.04 26.16
N GLU A 35 -23.85 -2.42 26.59
CA GLU A 35 -24.01 -3.44 27.61
C GLU A 35 -23.40 -4.76 27.14
N LYS A 36 -22.84 -5.51 28.10
CA LYS A 36 -22.22 -6.82 27.80
C LYS A 36 -23.18 -7.75 27.05
N HIS A 37 -24.47 -7.64 27.36
CA HIS A 37 -25.53 -8.45 26.75
C HIS A 37 -26.15 -7.80 25.50
N ALA A 38 -25.56 -6.70 25.00
CA ALA A 38 -26.15 -5.98 23.88
C ALA A 38 -26.30 -6.86 22.63
N LYS A 39 -27.36 -6.58 21.86
CA LYS A 39 -27.56 -7.17 20.53
C LYS A 39 -26.95 -6.21 19.51
N GLY A 40 -26.73 -6.67 18.30
CA GLY A 40 -26.22 -5.83 17.18
C GLY A 40 -26.99 -4.52 16.93
N GLN A 41 -28.31 -4.60 17.12
CA GLN A 41 -29.22 -3.47 16.90
C GLN A 41 -28.80 -2.28 17.75
N ASP A 42 -28.35 -2.60 18.96
CA ASP A 42 -27.95 -1.64 19.93
C ASP A 42 -26.73 -0.88 19.43
N LEU A 43 -25.78 -1.57 18.79
CA LEU A 43 -24.59 -0.88 18.28
C LEU A 43 -24.89 -0.13 16.99
N LEU A 44 -25.67 -0.75 16.12
CA LEU A 44 -26.10 -0.11 14.86
C LEU A 44 -26.86 1.18 15.19
N LYS A 45 -27.77 1.11 16.16
CA LYS A 45 -28.52 2.31 16.63
C LYS A 45 -27.54 3.46 16.89
N ARG A 46 -26.50 3.20 17.68
CA ARG A 46 -25.49 4.21 18.03
C ARG A 46 -24.69 4.79 16.85
N VAL A 47 -24.35 3.93 15.89
CA VAL A 47 -23.54 4.32 14.72
C VAL A 47 -24.37 5.18 13.75
N CYS A 48 -25.62 4.80 13.55
CA CYS A 48 -26.56 5.58 12.74
C CYS A 48 -26.89 6.96 13.36
N GLU A 49 -27.09 7.01 14.69
CA GLU A 49 -27.24 8.29 15.43
C GLU A 49 -26.01 9.20 15.24
N HIS A 50 -24.82 8.65 15.47
CA HIS A 50 -23.55 9.40 15.31
C HIS A 50 -23.34 10.04 13.93
N LEU A 51 -23.67 9.30 12.87
CA LEU A 51 -23.51 9.78 11.50
C LEU A 51 -24.67 10.65 11.03
N ASN A 52 -25.75 10.67 11.82
CA ASN A 52 -27.01 11.34 11.44
C ASN A 52 -27.44 10.82 10.04
N LEU A 53 -27.53 9.49 9.96
CA LEU A 53 -27.51 8.78 8.69
C LEU A 53 -28.88 8.79 8.05
N LEU A 54 -28.97 9.37 6.85
CA LEU A 54 -30.26 9.67 6.18
C LEU A 54 -30.95 8.47 5.46
N GLU A 55 -30.16 7.67 4.76
CA GLU A 55 -30.58 6.48 4.02
C GLU A 55 -29.88 5.27 4.58
N GLU A 56 -30.15 5.00 5.85
CA GLU A 56 -29.30 4.10 6.59
C GLU A 56 -29.49 2.66 6.23
N ASP A 57 -30.59 2.31 5.57
CA ASP A 57 -30.86 0.89 5.26
C ASP A 57 -29.87 0.23 4.28
N TYR A 58 -29.13 1.05 3.55
CA TYR A 58 -28.07 0.55 2.65
C TYR A 58 -26.82 0.09 3.36
N PHE A 59 -26.70 0.33 4.67
CA PHE A 59 -25.41 0.18 5.35
C PHE A 59 -25.50 -0.92 6.35
N GLY A 60 -24.34 -1.46 6.73
CA GLY A 60 -24.28 -2.39 7.86
C GLY A 60 -22.93 -2.37 8.54
N LEU A 61 -22.85 -3.08 9.68
CA LEU A 61 -21.63 -3.25 10.46
C LEU A 61 -21.11 -4.64 10.21
N ALA A 62 -19.82 -4.77 9.90
CA ALA A 62 -19.14 -6.06 9.62
C ALA A 62 -18.03 -6.39 10.65
N ILE A 63 -17.81 -7.67 10.87
CA ILE A 63 -16.82 -8.26 11.77
C ILE A 63 -15.85 -9.08 10.90
N TRP A 64 -14.56 -8.85 11.03
CA TRP A 64 -13.56 -9.47 10.12
C TRP A 64 -12.84 -10.64 10.82
N ASP A 65 -13.20 -11.88 10.42
CA ASP A 65 -12.62 -13.11 10.99
C ASP A 65 -11.13 -13.14 10.71
N ASN A 66 -10.79 -12.73 9.48
CA ASN A 66 -9.38 -12.46 9.11
C ASN A 66 -9.35 -11.28 8.15
N ALA A 67 -8.18 -10.94 7.59
CA ALA A 67 -8.04 -9.73 6.75
C ALA A 67 -8.90 -9.70 5.50
N THR A 68 -9.31 -10.87 5.03
CA THR A 68 -10.04 -10.96 3.79
C THR A 68 -11.34 -11.74 3.94
N SER A 69 -11.85 -11.86 5.18
CA SER A 69 -13.10 -12.63 5.42
C SER A 69 -13.93 -11.90 6.49
N LYS A 70 -15.13 -11.46 6.10
CA LYS A 70 -16.06 -10.75 6.98
C LYS A 70 -17.40 -11.50 7.12
N THR A 71 -18.06 -11.22 8.22
CA THR A 71 -19.43 -11.64 8.46
C THR A 71 -20.19 -10.40 8.92
N TRP A 72 -21.38 -10.15 8.39
CA TRP A 72 -22.16 -9.01 8.88
C TRP A 72 -22.58 -9.25 10.30
N LEU A 73 -22.75 -8.16 11.03
CA LEU A 73 -23.23 -8.19 12.39
C LEU A 73 -24.75 -8.40 12.36
N ASP A 74 -25.23 -9.38 13.10
CA ASP A 74 -26.66 -9.70 13.14
C ASP A 74 -27.34 -8.82 14.20
N SER A 75 -28.22 -7.95 13.75
CA SER A 75 -28.85 -6.98 14.62
C SER A 75 -29.68 -7.63 15.71
N ALA A 76 -30.17 -8.84 15.48
CA ALA A 76 -31.10 -9.46 16.43
C ALA A 76 -30.43 -10.45 17.36
N LYS A 77 -29.13 -10.71 17.18
CA LYS A 77 -28.42 -11.67 18.03
C LYS A 77 -27.46 -10.85 18.91
N GLU A 78 -27.05 -11.40 20.05
CA GLU A 78 -26.15 -10.69 20.97
C GLU A 78 -24.76 -10.50 20.31
N ILE A 79 -24.15 -9.35 20.55
CA ILE A 79 -22.80 -9.04 20.02
C ILE A 79 -21.74 -10.02 20.54
N LYS A 80 -21.79 -10.35 21.85
CA LYS A 80 -20.80 -11.25 22.47
C LYS A 80 -20.60 -12.58 21.72
N LYS A 81 -21.67 -13.18 21.19
CA LYS A 81 -21.59 -14.47 20.47
C LYS A 81 -20.95 -14.38 19.08
N GLN A 82 -20.94 -13.18 18.52
CA GLN A 82 -20.54 -13.00 17.14
C GLN A 82 -19.07 -12.67 17.00
N VAL A 83 -18.49 -12.15 18.08
CA VAL A 83 -17.09 -11.72 18.12
C VAL A 83 -16.20 -12.68 18.97
N PRO A 87 -11.37 -9.16 19.90
CA PRO A 87 -11.80 -7.84 20.39
C PRO A 87 -13.04 -7.33 19.64
N TRP A 88 -13.69 -6.30 20.19
CA TRP A 88 -14.99 -5.85 19.63
C TRP A 88 -14.76 -4.71 18.63
N ASN A 89 -14.21 -5.11 17.50
CA ASN A 89 -13.90 -4.23 16.39
C ASN A 89 -14.81 -4.52 15.18
N PHE A 90 -15.30 -3.45 14.56
CA PHE A 90 -16.23 -3.52 13.44
C PHE A 90 -15.84 -2.51 12.36
N THR A 91 -16.39 -2.71 11.18
CA THR A 91 -16.32 -1.75 10.11
C THR A 91 -17.76 -1.35 9.77
N PHE A 92 -17.91 -0.09 9.32
CA PHE A 92 -19.18 0.41 8.77
C PHE A 92 -19.03 0.41 7.28
N ASN A 93 -19.93 -0.29 6.59
CA ASN A 93 -19.84 -0.52 5.15
C ASN A 93 -21.17 -0.34 4.44
N VAL A 94 -21.11 -0.19 3.13
CA VAL A 94 -22.30 -0.38 2.31
C VAL A 94 -22.56 -1.87 2.30
N LYS A 95 -23.79 -2.24 2.64
CA LYS A 95 -24.24 -3.64 2.58
C LYS A 95 -24.99 -3.91 1.30
N PHE A 96 -25.87 -2.99 0.93
CA PHE A 96 -26.69 -3.14 -0.27
C PHE A 96 -26.27 -2.05 -1.25
N TYR A 97 -25.64 -2.46 -2.34
CA TYR A 97 -25.18 -1.49 -3.34
C TYR A 97 -26.30 -1.19 -4.32
N PRO A 98 -26.66 0.10 -4.50
CA PRO A 98 -27.79 0.42 -5.37
C PRO A 98 -27.44 0.23 -6.81
N PRO A 99 -28.30 -0.40 -7.62
CA PRO A 99 -27.90 -0.50 -9.03
C PRO A 99 -27.95 0.83 -9.80
N ASP A 100 -28.68 1.81 -9.29
CA ASP A 100 -28.72 3.14 -9.88
C ASP A 100 -28.51 4.16 -8.74
N PRO A 101 -27.23 4.45 -8.47
CA PRO A 101 -26.86 5.38 -7.42
C PRO A 101 -27.39 6.78 -7.61
N ALA A 102 -27.70 7.16 -8.85
CA ALA A 102 -28.27 8.46 -9.17
C ALA A 102 -29.66 8.65 -8.57
N GLN A 103 -30.35 7.55 -8.27
CA GLN A 103 -31.67 7.58 -7.66
C GLN A 103 -31.63 7.52 -6.12
N LEU A 104 -30.45 7.45 -5.49
CA LEU A 104 -30.35 7.73 -4.04
C LEU A 104 -30.74 9.19 -3.80
N THR A 105 -31.38 9.52 -2.68
CA THR A 105 -31.92 10.89 -2.47
C THR A 105 -30.88 11.89 -1.99
N GLU A 106 -29.78 11.42 -1.39
CA GLU A 106 -28.88 12.29 -0.64
C GLU A 106 -27.47 12.21 -1.15
N ASP A 107 -26.85 13.37 -1.37
CA ASP A 107 -25.44 13.40 -1.84
C ASP A 107 -24.48 12.69 -0.88
N ILE A 108 -24.75 12.80 0.42
CA ILE A 108 -23.91 12.15 1.43
C ILE A 108 -23.86 10.62 1.23
N THR A 109 -25.00 10.03 0.90
CA THR A 109 -25.11 8.60 0.65
C THR A 109 -24.28 8.22 -0.59
N ARG A 110 -24.35 9.03 -1.63
CA ARG A 110 -23.47 8.82 -2.78
C ARG A 110 -21.99 8.95 -2.42
N TYR A 111 -21.65 9.86 -1.52
CA TYR A 111 -20.25 10.03 -1.07
C TYR A 111 -19.75 8.78 -0.35
N TYR A 112 -20.53 8.27 0.57
CA TYR A 112 -20.20 7.05 1.30
C TYR A 112 -20.09 5.83 0.39
N LEU A 113 -20.98 5.72 -0.59
CA LEU A 113 -20.90 4.65 -1.60
C LEU A 113 -19.57 4.73 -2.37
N CYS A 114 -19.17 5.94 -2.76
CA CYS A 114 -17.86 6.13 -3.36
C CYS A 114 -16.72 5.70 -2.46
N LEU A 115 -16.75 6.05 -1.15
CA LEU A 115 -15.70 5.64 -0.21
C LEU A 115 -15.63 4.11 -0.11
N GLN A 116 -16.79 3.46 -0.01
CA GLN A 116 -16.84 1.99 -0.08
C GLN A 116 -16.23 1.38 -1.37
N LEU A 117 -16.63 1.92 -2.51
CA LEU A 117 -16.10 1.44 -3.80
C LEU A 117 -14.59 1.65 -3.91
N ARG A 118 -14.10 2.76 -3.36
CA ARG A 118 -12.64 2.98 -3.33
C ARG A 118 -11.95 1.87 -2.50
N GLN A 119 -12.48 1.53 -1.34
CA GLN A 119 -11.97 0.38 -0.58
C GLN A 119 -12.03 -0.93 -1.36
N ASP A 120 -13.15 -1.16 -2.04
CA ASP A 120 -13.32 -2.36 -2.87
C ASP A 120 -12.27 -2.39 -4.00
N ILE A 121 -12.02 -1.24 -4.62
CA ILE A 121 -10.96 -1.14 -5.63
C ILE A 121 -9.60 -1.46 -5.08
N VAL A 122 -9.19 -0.80 -4.01
CA VAL A 122 -7.85 -0.99 -3.42
C VAL A 122 -7.67 -2.44 -2.91
N ALA A 123 -8.72 -3.05 -2.38
CA ALA A 123 -8.69 -4.44 -1.90
C ALA A 123 -8.71 -5.50 -3.02
N GLY A 124 -8.89 -5.13 -4.26
CA GLY A 124 -9.07 -6.11 -5.30
C GLY A 124 -10.43 -6.74 -5.42
N ARG A 125 -11.41 -6.28 -4.67
CA ARG A 125 -12.77 -6.85 -4.78
C ARG A 125 -13.54 -6.32 -6.00
N LEU A 126 -13.08 -5.17 -6.54
CA LEU A 126 -13.69 -4.56 -7.70
C LEU A 126 -12.60 -4.39 -8.72
N PRO A 127 -12.36 -5.41 -9.56
CA PRO A 127 -11.33 -5.30 -10.56
C PRO A 127 -11.64 -4.30 -11.65
N CYS A 128 -10.60 -3.56 -12.04
CA CYS A 128 -10.68 -2.51 -13.03
C CYS A 128 -9.45 -2.57 -13.93
N SER A 129 -9.64 -2.22 -15.19
CA SER A 129 -8.53 -2.04 -16.12
C SER A 129 -7.77 -0.76 -15.72
N PHE A 130 -6.58 -0.59 -16.28
CA PHE A 130 -5.85 0.66 -16.05
C PHE A 130 -6.69 1.90 -16.43
N ALA A 131 -7.39 1.89 -17.56
CA ALA A 131 -8.14 3.07 -17.96
C ALA A 131 -9.31 3.47 -17.04
N THR A 132 -9.97 2.45 -16.49
CA THR A 132 -11.04 2.60 -15.51
C THR A 132 -10.45 3.10 -14.23
N LEU A 133 -9.36 2.51 -13.78
CA LEU A 133 -8.70 2.97 -12.52
C LEU A 133 -8.39 4.48 -12.63
N ALA A 134 -7.84 4.88 -13.77
CA ALA A 134 -7.43 6.27 -14.04
C ALA A 134 -8.64 7.19 -14.08
N LEU A 135 -9.66 6.80 -14.83
CA LEU A 135 -10.92 7.57 -14.85
C LEU A 135 -11.59 7.70 -13.47
N LEU A 136 -11.84 6.59 -12.79
CA LEU A 136 -12.41 6.64 -11.43
C LEU A 136 -11.51 7.44 -10.50
N GLY A 137 -10.20 7.26 -10.61
CA GLY A 137 -9.25 7.93 -9.78
C GLY A 137 -9.31 9.42 -10.03
N SER A 138 -9.53 9.84 -11.28
CA SER A 138 -9.61 11.26 -11.58
C SER A 138 -10.79 11.90 -10.88
N TYR A 139 -11.89 11.16 -10.74
CA TYR A 139 -13.11 11.69 -10.06
C TYR A 139 -12.92 11.68 -8.55
N THR A 140 -12.26 10.65 -8.03
CA THR A 140 -11.88 10.66 -6.62
C THR A 140 -11.09 11.90 -6.28
N ILE A 141 -10.07 12.20 -7.10
CA ILE A 141 -9.23 13.37 -6.89
C ILE A 141 -10.01 14.67 -7.01
N GLN A 142 -10.85 14.81 -8.04
CA GLN A 142 -11.65 16.02 -8.21
C GLN A 142 -12.53 16.25 -6.99
N SER A 143 -13.18 15.20 -6.50
CA SER A 143 -14.04 15.30 -5.32
C SER A 143 -13.30 15.60 -4.01
N GLU A 144 -12.04 15.19 -3.92
CA GLU A 144 -11.29 15.32 -2.69
C GLU A 144 -10.58 16.67 -2.64
N LEU A 145 -10.06 17.13 -3.78
CA LEU A 145 -9.21 18.36 -3.84
C LEU A 145 -9.85 19.55 -4.58
N GLY A 146 -10.90 19.28 -5.35
CA GLY A 146 -11.56 20.31 -6.13
C GLY A 146 -10.82 20.47 -7.42
N ASP A 147 -11.07 21.59 -8.08
CA ASP A 147 -10.44 21.80 -9.38
C ASP A 147 -8.93 21.82 -9.20
N TYR A 148 -8.22 21.34 -10.21
CA TYR A 148 -6.81 21.39 -10.21
C TYR A 148 -6.34 22.84 -10.16
N ASP A 149 -5.29 23.05 -9.36
CA ASP A 149 -4.80 24.36 -8.93
C ASP A 149 -3.30 24.31 -9.13
N PRO A 150 -2.82 24.80 -10.30
CA PRO A 150 -1.42 24.54 -10.65
C PRO A 150 -0.42 25.14 -9.64
N GLU A 151 -0.74 26.33 -9.09
CA GLU A 151 0.10 26.94 -8.06
C GLU A 151 0.23 26.09 -6.80
N LEU A 152 -0.91 25.60 -6.28
CA LEU A 152 -0.95 24.97 -4.95
C LEU A 152 -0.83 23.44 -4.96
N HIS A 153 -1.12 22.81 -6.08
CA HIS A 153 -1.09 21.34 -6.17
C HIS A 153 0.18 20.83 -6.82
N GLY A 154 0.61 21.53 -7.86
CA GLY A 154 1.76 21.12 -8.65
C GLY A 154 1.54 19.87 -9.52
N VAL A 155 2.52 18.98 -9.47
CA VAL A 155 2.66 17.87 -10.43
C VAL A 155 2.82 16.49 -9.72
N ASP A 156 2.67 16.45 -8.39
CA ASP A 156 2.92 15.21 -7.61
C ASP A 156 2.06 15.13 -6.33
N TYR A 157 0.76 15.26 -6.52
CA TYR A 157 -0.17 15.54 -5.43
C TYR A 157 -1.19 14.42 -5.21
N VAL A 158 -1.05 13.31 -5.93
CA VAL A 158 -2.10 12.25 -5.84
C VAL A 158 -1.65 11.01 -5.05
N SER A 159 -0.37 10.93 -4.67
CA SER A 159 0.13 9.75 -3.94
C SER A 159 -0.49 9.63 -2.56
N ASP A 160 -1.03 10.72 -2.03
CA ASP A 160 -1.74 10.66 -0.73
C ASP A 160 -3.05 9.88 -0.78
N PHE A 161 -3.52 9.53 -1.99
CA PHE A 161 -4.81 8.87 -2.18
C PHE A 161 -4.57 7.44 -2.72
N LYS A 162 -5.29 6.50 -2.16
CA LYS A 162 -5.21 5.10 -2.58
C LYS A 162 -6.22 4.88 -3.71
N LEU A 163 -5.71 4.81 -4.93
CA LEU A 163 -6.54 4.70 -6.13
C LEU A 163 -6.53 3.34 -6.81
N ALA A 164 -5.68 2.43 -6.32
CA ALA A 164 -5.50 1.14 -6.96
C ALA A 164 -4.81 0.21 -6.00
N PRO A 165 -4.99 -1.10 -6.20
CA PRO A 165 -4.22 -2.09 -5.42
C PRO A 165 -2.70 -1.91 -5.51
N ASN A 166 -2.21 -1.64 -6.72
CA ASN A 166 -0.81 -1.20 -6.96
C ASN A 166 -0.80 0.12 -7.73
N GLN A 167 -0.49 1.20 -7.04
CA GLN A 167 -0.62 2.54 -7.56
C GLN A 167 0.71 2.97 -8.16
N THR A 168 0.77 2.96 -9.48
CA THR A 168 2.01 3.26 -10.18
C THR A 168 2.08 4.75 -10.56
N LYS A 169 3.30 5.19 -10.83
CA LYS A 169 3.49 6.52 -11.37
C LYS A 169 2.70 6.73 -12.66
N GLU A 170 2.65 5.71 -13.50
CA GLU A 170 1.94 5.81 -14.79
C GLU A 170 0.44 6.05 -14.54
N LEU A 171 -0.12 5.34 -13.57
CA LEU A 171 -1.51 5.57 -13.16
C LEU A 171 -1.69 6.97 -12.62
N GLU A 172 -0.81 7.39 -11.70
CA GLU A 172 -0.95 8.72 -11.11
C GLU A 172 -0.84 9.83 -12.17
N GLU A 173 0.06 9.65 -13.12
CA GLU A 173 0.20 10.60 -14.23
C GLU A 173 -1.08 10.70 -15.08
N LYS A 174 -1.73 9.57 -15.38
CA LYS A 174 -2.98 9.61 -16.15
C LYS A 174 -4.09 10.28 -15.34
N VAL A 175 -4.15 9.96 -14.07
CA VAL A 175 -5.16 10.57 -13.16
C VAL A 175 -5.04 12.09 -13.11
N MET A 176 -3.81 12.58 -12.91
CA MET A 176 -3.54 14.05 -12.89
C MET A 176 -3.85 14.71 -14.24
N GLU A 177 -3.53 14.03 -15.35
CA GLU A 177 -3.90 14.54 -16.68
C GLU A 177 -5.42 14.71 -16.85
N LEU A 178 -6.18 13.72 -16.41
CA LEU A 178 -7.64 13.78 -16.50
C LEU A 178 -8.16 14.83 -15.52
N HIS A 179 -7.61 14.85 -14.32
CA HIS A 179 -8.03 15.82 -13.30
C HIS A 179 -7.87 17.29 -13.78
N LYS A 180 -6.71 17.59 -14.36
CA LYS A 180 -6.37 18.92 -14.88
C LYS A 180 -7.36 19.32 -15.98
N SER A 181 -7.97 18.35 -16.65
CA SER A 181 -8.98 18.67 -17.66
C SER A 181 -10.38 19.10 -17.12
N TYR A 182 -10.66 18.97 -15.82
CA TYR A 182 -12.02 19.31 -15.28
C TYR A 182 -12.23 20.79 -14.77
N ARG A 183 -13.47 21.28 -14.85
CA ARG A 183 -13.84 22.66 -14.42
C ARG A 183 -15.26 22.67 -13.82
N SER A 184 -15.53 23.55 -12.86
CA SER A 184 -16.85 23.59 -12.22
C SER A 184 -17.46 22.17 -12.09
N MET A 185 -16.73 21.31 -11.40
CA MET A 185 -17.30 20.02 -11.00
C MET A 185 -17.18 19.94 -9.48
N THR A 186 -18.33 20.05 -8.82
CA THR A 186 -18.40 19.99 -7.38
C THR A 186 -18.13 18.55 -6.98
N PRO A 187 -17.92 18.31 -5.67
CA PRO A 187 -17.71 16.92 -5.22
C PRO A 187 -18.90 16.07 -5.45
N ALA A 188 -20.10 16.64 -5.29
CA ALA A 188 -21.30 15.90 -5.62
C ALA A 188 -21.36 15.52 -7.10
N GLN A 189 -20.92 16.41 -7.99
CA GLN A 189 -20.95 16.11 -9.43
C GLN A 189 -19.88 15.05 -9.80
N ALA A 190 -18.72 15.16 -9.14
CA ALA A 190 -17.63 14.18 -9.29
C ALA A 190 -18.07 12.78 -8.81
N ASP A 191 -18.73 12.75 -7.65
CA ASP A 191 -19.26 11.51 -7.10
C ASP A 191 -20.23 10.82 -8.08
N LEU A 192 -21.12 11.60 -8.64
CA LEU A 192 -22.06 11.10 -9.63
C LEU A 192 -21.38 10.51 -10.86
N GLU A 193 -20.38 11.20 -11.41
CA GLU A 193 -19.59 10.65 -12.54
C GLU A 193 -18.86 9.35 -12.14
N PHE A 194 -18.27 9.34 -10.95
CA PHE A 194 -17.60 8.15 -10.43
C PHE A 194 -18.60 6.98 -10.44
N LEU A 195 -19.79 7.24 -9.87
CA LEU A 195 -20.81 6.21 -9.72
C LEU A 195 -21.42 5.75 -11.02
N GLU A 196 -21.67 6.65 -11.97
CA GLU A 196 -22.13 6.27 -13.32
C GLU A 196 -21.22 5.28 -14.00
N ASN A 197 -19.92 5.48 -13.78
CA ASN A 197 -18.91 4.57 -14.33
C ASN A 197 -18.79 3.30 -13.47
N ALA A 198 -18.66 3.43 -12.16
CA ALA A 198 -18.47 2.24 -11.34
C ALA A 198 -19.63 1.25 -11.40
N LYS A 199 -20.88 1.76 -11.48
CA LYS A 199 -22.08 0.92 -11.41
C LYS A 199 -22.14 -0.09 -12.55
N LYS A 200 -21.45 0.20 -13.65
CA LYS A 200 -21.46 -0.66 -14.84
C LYS A 200 -20.38 -1.73 -14.80
N LEU A 201 -19.48 -1.69 -13.83
CA LEU A 201 -18.43 -2.71 -13.71
C LEU A 201 -19.00 -4.07 -13.31
N SER A 202 -18.38 -5.15 -13.79
CA SER A 202 -19.00 -6.46 -13.63
C SER A 202 -19.06 -6.92 -12.19
N MET A 203 -18.09 -6.47 -11.37
CA MET A 203 -18.10 -6.85 -9.94
C MET A 203 -18.69 -5.82 -9.02
N TYR A 204 -19.37 -4.83 -9.58
CA TYR A 204 -19.85 -3.75 -8.74
C TYR A 204 -20.83 -4.37 -7.75
N GLY A 205 -20.55 -4.21 -6.48
CA GLY A 205 -21.52 -4.57 -5.45
C GLY A 205 -21.71 -6.05 -5.27
N VAL A 206 -20.74 -6.83 -5.74
CA VAL A 206 -20.80 -8.30 -5.63
C VAL A 206 -20.03 -8.80 -4.40
N ASP A 207 -20.76 -9.51 -3.54
CA ASP A 207 -20.17 -10.13 -2.35
C ASP A 207 -19.88 -11.58 -2.65
N LEU A 208 -18.60 -11.94 -2.60
CA LEU A 208 -18.10 -13.28 -2.98
C LEU A 208 -17.92 -14.29 -1.82
N HIS A 209 -18.35 -15.54 -2.08
CA HIS A 209 -18.32 -16.65 -1.12
C HIS A 209 -17.83 -17.90 -1.85
N LYS A 210 -16.70 -18.45 -1.43
CA LYS A 210 -16.20 -19.72 -1.98
C LYS A 210 -17.14 -20.91 -1.62
N ALA A 211 -17.23 -21.87 -2.53
CA ALA A 211 -18.08 -22.97 -2.41
C ALA A 211 -17.60 -24.03 -3.37
N LYS A 212 -18.21 -25.19 -3.31
CA LYS A 212 -18.03 -26.21 -4.36
C LYS A 212 -19.40 -26.61 -4.88
N ASP A 213 -19.46 -27.08 -6.12
CA ASP A 213 -20.68 -27.71 -6.62
C ASP A 213 -20.70 -29.19 -6.18
N LEU A 214 -21.76 -29.91 -6.52
CA LEU A 214 -21.94 -31.23 -5.93
C LEU A 214 -20.85 -32.20 -6.40
N GLU A 215 -20.31 -31.95 -7.61
CA GLU A 215 -19.23 -32.76 -8.18
C GLU A 215 -17.85 -32.52 -7.53
N GLY A 216 -17.77 -31.52 -6.66
CA GLY A 216 -16.52 -31.21 -5.96
C GLY A 216 -15.70 -30.10 -6.61
N VAL A 217 -16.26 -29.47 -7.66
CA VAL A 217 -15.58 -28.41 -8.43
C VAL A 217 -15.63 -27.10 -7.67
N ASP A 218 -14.50 -26.40 -7.59
CA ASP A 218 -14.45 -25.13 -6.87
C ASP A 218 -15.10 -24.03 -7.65
N ILE A 219 -15.94 -23.28 -6.98
CA ILE A 219 -16.65 -22.19 -7.59
C ILE A 219 -16.68 -21.04 -6.58
N ILE A 220 -17.17 -19.91 -7.03
CA ILE A 220 -17.41 -18.77 -6.18
C ILE A 220 -18.83 -18.29 -6.43
N LEU A 221 -19.56 -18.13 -5.35
CA LEU A 221 -20.90 -17.54 -5.40
C LEU A 221 -20.84 -16.04 -5.11
N GLY A 222 -21.54 -15.25 -5.91
CA GLY A 222 -21.57 -13.82 -5.77
C GLY A 222 -22.98 -13.36 -5.46
N VAL A 223 -23.13 -12.56 -4.45
CA VAL A 223 -24.44 -12.08 -4.05
C VAL A 223 -24.51 -10.62 -4.40
N CYS A 224 -25.53 -10.22 -5.16
CA CYS A 224 -25.72 -8.81 -5.52
C CYS A 224 -27.18 -8.46 -5.75
N SER A 225 -27.45 -7.22 -6.14
CA SER A 225 -28.81 -6.73 -6.32
C SER A 225 -29.59 -7.52 -7.34
N SER A 226 -28.90 -8.05 -8.36
CA SER A 226 -29.62 -8.74 -9.40
C SER A 226 -30.06 -10.16 -9.01
N GLY A 227 -29.11 -10.89 -8.40
CA GLY A 227 -29.36 -12.26 -7.96
C GLY A 227 -28.16 -12.93 -7.33
N LEU A 228 -28.18 -14.26 -7.38
CA LEU A 228 -27.04 -15.08 -6.98
C LEU A 228 -26.29 -15.47 -8.21
N LEU A 229 -25.01 -15.12 -8.22
CA LEU A 229 -24.17 -15.33 -9.38
C LEU A 229 -23.26 -16.49 -9.05
N VAL A 230 -22.90 -17.25 -10.08
CA VAL A 230 -21.95 -18.35 -9.97
C VAL A 230 -20.79 -18.13 -10.91
N TYR A 231 -19.58 -18.17 -10.35
CA TYR A 231 -18.33 -18.04 -11.12
C TYR A 231 -17.49 -19.29 -11.04
N LYS A 232 -16.91 -19.65 -12.17
CA LYS A 232 -15.78 -20.59 -12.24
C LYS A 232 -14.57 -19.77 -12.71
N ASP A 233 -13.59 -19.60 -11.81
CA ASP A 233 -12.46 -18.66 -12.02
C ASP A 233 -12.96 -17.18 -11.86
N LYS A 234 -12.67 -16.32 -12.83
CA LYS A 234 -13.25 -14.97 -12.84
C LYS A 234 -14.45 -14.94 -13.81
N LEU A 235 -14.82 -16.12 -14.32
CA LEU A 235 -15.84 -16.22 -15.36
C LEU A 235 -17.22 -16.53 -14.81
N ARG A 236 -18.16 -15.62 -15.04
CA ARG A 236 -19.55 -15.81 -14.63
C ARG A 236 -20.25 -16.80 -15.50
N ILE A 237 -20.71 -17.90 -14.91
CA ILE A 237 -21.29 -19.04 -15.62
C ILE A 237 -22.78 -19.33 -15.28
N ASN A 238 -23.35 -18.61 -14.32
CA ASN A 238 -24.77 -18.74 -13.93
C ASN A 238 -25.21 -17.44 -13.25
N ARG A 239 -26.49 -17.12 -13.38
CA ARG A 239 -27.13 -16.16 -12.53
C ARG A 239 -28.57 -16.60 -12.29
N PHE A 240 -29.00 -16.49 -11.03
CA PHE A 240 -30.35 -16.80 -10.59
C PHE A 240 -30.93 -15.48 -10.08
N PRO A 241 -31.73 -14.79 -10.90
CA PRO A 241 -32.23 -13.50 -10.43
C PRO A 241 -33.25 -13.69 -9.30
N TRP A 242 -33.32 -12.73 -8.41
CA TRP A 242 -34.18 -12.85 -7.21
C TRP A 242 -35.65 -13.13 -7.54
N PRO A 243 -36.22 -12.47 -8.58
CA PRO A 243 -37.57 -12.84 -9.00
C PRO A 243 -37.79 -14.33 -9.34
N LYS A 244 -36.75 -15.05 -9.74
CA LYS A 244 -36.85 -16.49 -10.06
C LYS A 244 -36.61 -17.43 -8.87
N VAL A 245 -36.10 -16.89 -7.77
CA VAL A 245 -35.76 -17.66 -6.58
C VAL A 245 -36.99 -17.75 -5.73
N LEU A 246 -37.41 -18.98 -5.46
CA LEU A 246 -38.56 -19.28 -4.63
C LEU A 246 -38.17 -19.46 -3.17
N LYS A 247 -37.00 -20.02 -2.90
CA LYS A 247 -36.59 -20.25 -1.52
C LYS A 247 -35.10 -20.42 -1.44
N ILE A 248 -34.55 -19.91 -0.33
CA ILE A 248 -33.17 -19.98 -0.01
C ILE A 248 -33.09 -20.64 1.38
N SER A 249 -32.25 -21.65 1.51
CA SER A 249 -32.11 -22.37 2.79
C SER A 249 -30.68 -22.90 2.94
N TYR A 250 -30.34 -23.36 4.14
CA TYR A 250 -29.09 -24.05 4.34
C TYR A 250 -29.35 -25.15 5.37
N LYS A 251 -28.47 -26.12 5.37
CA LYS A 251 -28.47 -27.14 6.42
C LYS A 251 -27.04 -27.65 6.58
N ARG A 252 -26.48 -27.61 7.80
CA ARG A 252 -25.06 -27.94 7.99
C ARG A 252 -24.22 -27.12 6.97
N SER A 253 -23.31 -27.76 6.20
CA SER A 253 -22.48 -27.00 5.26
C SER A 253 -23.04 -26.94 3.85
N SER A 254 -24.28 -27.37 3.69
CA SER A 254 -25.01 -27.28 2.43
C SER A 254 -25.86 -26.00 2.33
N PHE A 255 -25.88 -25.41 1.15
CA PHE A 255 -26.66 -24.22 0.83
C PHE A 255 -27.53 -24.54 -0.36
N PHE A 256 -28.81 -24.14 -0.31
CA PHE A 256 -29.81 -24.55 -1.30
C PHE A 256 -30.56 -23.34 -1.81
N ILE A 257 -30.75 -23.31 -3.12
CA ILE A 257 -31.58 -22.33 -3.74
C ILE A 257 -32.64 -23.04 -4.60
N LYS A 258 -33.90 -22.73 -4.36
CA LYS A 258 -34.99 -23.28 -5.13
C LYS A 258 -35.43 -22.26 -6.17
N ILE A 259 -35.49 -22.70 -7.41
CA ILE A 259 -35.86 -21.79 -8.49
C ILE A 259 -37.06 -22.37 -9.25
N ARG A 260 -37.69 -21.51 -10.03
CA ARG A 260 -38.76 -21.95 -10.92
C ARG A 260 -38.11 -22.16 -12.30
N GLU A 268 -39.43 -27.00 -11.57
CA GLU A 268 -39.05 -26.45 -10.26
C GLU A 268 -37.93 -27.27 -9.61
N SER A 269 -36.78 -26.66 -9.42
CA SER A 269 -35.58 -27.40 -9.08
C SER A 269 -34.79 -26.67 -8.01
N THR A 270 -33.98 -27.44 -7.28
CA THR A 270 -33.15 -26.93 -6.23
C THR A 270 -31.70 -27.15 -6.67
N ILE A 271 -30.91 -26.08 -6.55
CA ILE A 271 -29.49 -26.10 -6.86
C ILE A 271 -28.85 -26.00 -5.49
N GLY A 272 -28.04 -26.99 -5.17
CA GLY A 272 -27.34 -27.02 -3.91
C GLY A 272 -25.87 -26.77 -4.12
N PHE A 273 -25.22 -26.22 -3.11
CA PHE A 273 -23.79 -26.01 -3.11
C PHE A 273 -23.21 -26.49 -1.79
N LYS A 274 -21.94 -26.87 -1.84
CA LYS A 274 -21.23 -27.31 -0.65
C LYS A 274 -20.27 -26.22 -0.17
N LEU A 275 -20.41 -25.82 1.10
CA LEU A 275 -19.69 -24.69 1.63
C LEU A 275 -18.70 -25.32 2.59
N PRO A 276 -17.67 -24.57 2.99
CA PRO A 276 -16.56 -25.17 3.74
C PRO A 276 -16.85 -25.41 5.21
N SER A 277 -17.89 -24.79 5.75
CA SER A 277 -18.31 -25.01 7.13
C SER A 277 -19.77 -24.62 7.26
N TYR A 278 -20.35 -24.96 8.38
CA TYR A 278 -21.76 -24.60 8.63
C TYR A 278 -21.85 -23.09 8.85
N ARG A 279 -20.79 -22.48 9.40
CA ARG A 279 -20.76 -21.01 9.53
C ARG A 279 -20.82 -20.32 8.14
N ALA A 280 -20.06 -20.84 7.18
CA ALA A 280 -20.05 -20.28 5.84
C ALA A 280 -21.39 -20.43 5.14
N ALA A 281 -22.04 -21.59 5.31
CA ALA A 281 -23.31 -21.84 4.66
C ALA A 281 -24.37 -20.90 5.27
N LYS A 282 -24.36 -20.79 6.59
CA LYS A 282 -25.32 -19.95 7.29
C LYS A 282 -25.15 -18.49 6.87
N LYS A 283 -23.89 -18.04 6.85
CA LYS A 283 -23.52 -16.70 6.42
C LYS A 283 -24.08 -16.36 5.04
N LEU A 284 -23.84 -17.25 4.08
CA LEU A 284 -24.36 -17.08 2.74
C LEU A 284 -25.89 -17.01 2.67
N TRP A 285 -26.55 -17.95 3.35
CA TRP A 285 -27.99 -17.98 3.37
C TRP A 285 -28.48 -16.63 3.89
N LYS A 286 -27.96 -16.19 5.00
CA LYS A 286 -28.40 -14.92 5.55
C LYS A 286 -28.25 -13.76 4.54
N VAL A 287 -27.08 -13.62 3.92
CA VAL A 287 -26.88 -12.50 2.96
C VAL A 287 -27.87 -12.61 1.82
N CYS A 288 -28.13 -13.84 1.35
CA CYS A 288 -29.02 -14.05 0.23
C CYS A 288 -30.45 -13.65 0.61
N VAL A 289 -30.92 -14.05 1.79
CA VAL A 289 -32.25 -13.64 2.24
C VAL A 289 -32.33 -12.11 2.37
N GLU A 290 -31.31 -11.52 2.94
CA GLU A 290 -31.32 -10.06 3.10
C GLU A 290 -31.40 -9.34 1.74
N HIS A 291 -30.61 -9.79 0.76
CA HIS A 291 -30.65 -9.21 -0.59
C HIS A 291 -31.98 -9.49 -1.25
N HIS A 292 -32.44 -10.74 -1.19
CA HIS A 292 -33.72 -11.12 -1.79
C HIS A 292 -34.84 -10.16 -1.28
N THR A 293 -34.82 -9.83 0.00
CA THR A 293 -35.81 -8.96 0.63
C THR A 293 -35.62 -7.50 0.33
N PHE A 294 -34.39 -7.03 0.44
CA PHE A 294 -34.09 -5.62 0.23
C PHE A 294 -34.47 -5.21 -1.21
N PHE A 295 -34.16 -6.07 -2.18
CA PHE A 295 -34.26 -5.73 -3.60
C PHE A 295 -35.53 -6.31 -4.23
N ARG A 296 -36.48 -6.75 -3.41
CA ARG A 296 -37.77 -7.19 -3.93
C ARG A 296 -38.43 -6.08 -4.79
N PHE B 16 46.17 -9.04 1.81
CA PHE B 16 46.84 -8.09 0.89
C PHE B 16 45.88 -7.12 0.22
N GLN B 17 46.45 -6.03 -0.31
CA GLN B 17 45.70 -5.07 -1.14
C GLN B 17 45.04 -5.82 -2.32
N GLY B 18 43.74 -5.63 -2.47
CA GLY B 18 42.94 -6.43 -3.40
C GLY B 18 41.88 -7.22 -2.68
N HIS B 19 42.15 -7.65 -1.44
CA HIS B 19 41.15 -8.36 -0.63
C HIS B 19 40.01 -7.41 -0.28
N CYS B 20 38.78 -7.88 -0.52
CA CYS B 20 37.56 -7.14 -0.29
C CYS B 20 36.65 -7.85 0.70
N LYS B 21 36.10 -7.10 1.67
CA LYS B 21 35.03 -7.58 2.56
C LYS B 21 33.76 -6.74 2.32
N VAL B 22 32.68 -7.37 1.85
CA VAL B 22 31.43 -6.64 1.58
C VAL B 22 30.33 -7.07 2.56
N SER B 23 29.87 -6.16 3.42
CA SER B 23 28.75 -6.45 4.32
C SER B 23 27.48 -6.43 3.51
N LEU B 24 26.78 -7.56 3.57
CA LEU B 24 25.58 -7.77 2.79
C LEU B 24 24.36 -7.41 3.63
N LEU B 25 23.23 -7.26 2.95
CA LEU B 25 22.01 -6.74 3.59
C LEU B 25 21.42 -7.66 4.66
N ASP B 26 21.74 -8.95 4.59
CA ASP B 26 21.28 -9.89 5.62
C ASP B 26 22.29 -10.05 6.74
N ASP B 27 23.25 -9.12 6.85
CA ASP B 27 24.29 -9.10 7.91
C ASP B 27 25.35 -10.20 7.80
N THR B 28 25.42 -10.85 6.64
CA THR B 28 26.50 -11.76 6.33
C THR B 28 27.61 -10.97 5.61
N VAL B 29 28.80 -11.56 5.51
CA VAL B 29 29.92 -10.91 4.81
C VAL B 29 30.37 -11.74 3.61
N TYR B 30 30.43 -11.11 2.44
CA TYR B 30 31.04 -11.68 1.24
C TYR B 30 32.50 -11.26 1.09
N GLU B 31 33.36 -12.19 0.76
CA GLU B 31 34.80 -11.90 0.66
C GLU B 31 35.33 -12.39 -0.65
N CYS B 32 36.24 -11.61 -1.21
CA CYS B 32 36.91 -11.98 -2.45
C CYS B 32 38.21 -11.22 -2.62
N VAL B 33 38.99 -11.62 -3.61
CA VAL B 33 40.19 -10.91 -3.98
C VAL B 33 40.00 -10.45 -5.44
N VAL B 34 40.14 -9.14 -5.66
CA VAL B 34 40.08 -8.57 -7.01
C VAL B 34 41.51 -8.42 -7.51
N GLU B 35 41.64 -8.41 -8.84
CA GLU B 35 42.87 -7.98 -9.51
C GLU B 35 43.29 -6.59 -9.00
N LYS B 36 44.59 -6.29 -9.01
CA LYS B 36 45.15 -5.04 -8.43
C LYS B 36 44.57 -3.77 -9.04
N HIS B 37 44.30 -3.86 -10.37
CA HIS B 37 43.75 -2.74 -11.14
C HIS B 37 42.25 -2.87 -11.44
N ALA B 38 41.57 -3.78 -10.75
CA ALA B 38 40.12 -3.93 -10.86
C ALA B 38 39.39 -2.62 -10.66
N LYS B 39 38.37 -2.39 -11.49
CA LYS B 39 37.42 -1.29 -11.33
C LYS B 39 36.21 -1.64 -10.45
N GLY B 40 35.52 -0.63 -9.94
CA GLY B 40 34.30 -0.87 -9.14
C GLY B 40 33.30 -1.86 -9.74
N GLN B 41 33.12 -1.80 -11.05
CA GLN B 41 32.13 -2.64 -11.77
C GLN B 41 32.47 -4.09 -11.56
N ASP B 42 33.77 -4.38 -11.58
CA ASP B 42 34.26 -5.73 -11.38
C ASP B 42 33.81 -6.31 -10.02
N LEU B 43 33.93 -5.51 -8.95
CA LEU B 43 33.52 -5.97 -7.62
C LEU B 43 31.99 -6.06 -7.53
N LEU B 44 31.29 -5.09 -8.11
CA LEU B 44 29.82 -5.09 -8.08
C LEU B 44 29.24 -6.29 -8.81
N LYS B 45 29.77 -6.63 -9.99
CA LYS B 45 29.36 -7.88 -10.72
C LYS B 45 29.53 -9.15 -9.87
N ARG B 46 30.67 -9.30 -9.25
CA ARG B 46 30.91 -10.45 -8.35
C ARG B 46 29.91 -10.55 -7.18
N VAL B 47 29.60 -9.41 -6.57
CA VAL B 47 28.63 -9.39 -5.44
C VAL B 47 27.21 -9.72 -5.92
N CYS B 48 26.80 -9.12 -7.01
CA CYS B 48 25.48 -9.38 -7.59
C CYS B 48 25.35 -10.84 -8.03
N GLU B 49 26.36 -11.37 -8.70
CA GLU B 49 26.34 -12.80 -9.02
C GLU B 49 26.21 -13.66 -7.77
N HIS B 50 26.95 -13.32 -6.72
CA HIS B 50 26.85 -14.04 -5.45
C HIS B 50 25.40 -14.06 -4.89
N LEU B 51 24.69 -12.97 -5.17
CA LEU B 51 23.36 -12.70 -4.59
C LEU B 51 22.30 -13.22 -5.57
N ASN B 52 22.72 -13.72 -6.71
CA ASN B 52 21.81 -14.13 -7.78
C ASN B 52 20.98 -12.97 -8.28
N LEU B 53 21.58 -11.78 -8.26
CA LEU B 53 20.85 -10.57 -8.54
C LEU B 53 21.11 -10.21 -9.98
N LEU B 54 20.05 -10.11 -10.78
CA LEU B 54 20.14 -9.72 -12.17
C LEU B 54 19.81 -8.23 -12.41
N GLU B 55 19.05 -7.61 -11.51
CA GLU B 55 18.75 -6.18 -11.60
C GLU B 55 19.74 -5.33 -10.80
N GLU B 56 20.95 -5.23 -11.30
CA GLU B 56 22.10 -4.73 -10.56
C GLU B 56 22.10 -3.22 -10.48
N ASP B 57 21.41 -2.57 -11.43
CA ASP B 57 21.60 -1.15 -11.64
C ASP B 57 20.98 -0.33 -10.51
N TYR B 58 20.12 -0.93 -9.70
CA TYR B 58 19.55 -0.22 -8.53
C TYR B 58 20.47 -0.18 -7.34
N PHE B 59 21.57 -0.93 -7.40
CA PHE B 59 22.42 -1.23 -6.24
C PHE B 59 23.83 -0.68 -6.43
N GLY B 60 24.53 -0.58 -5.31
CA GLY B 60 25.85 -0.06 -5.24
C GLY B 60 26.60 -0.52 -4.02
N LEU B 61 27.89 -0.27 -4.07
CA LEU B 61 28.78 -0.59 -2.97
C LEU B 61 29.19 0.72 -2.28
N ALA B 62 28.91 0.85 -0.98
CA ALA B 62 29.28 2.06 -0.20
C ALA B 62 30.60 1.90 0.54
N ILE B 63 31.37 2.97 0.56
CA ILE B 63 32.71 2.99 1.17
C ILE B 63 32.61 3.55 2.59
N TRP B 64 33.25 2.92 3.56
CA TRP B 64 32.98 3.22 4.98
C TRP B 64 33.57 4.58 5.40
N ASP B 65 32.68 5.52 5.71
CA ASP B 65 33.05 6.93 5.96
C ASP B 65 33.11 7.26 7.46
N LYS B 70 27.55 8.72 3.13
CA LYS B 70 27.46 7.72 2.02
C LYS B 70 28.44 8.17 0.96
N THR B 71 29.54 7.42 0.76
CA THR B 71 30.37 7.54 -0.45
C THR B 71 30.27 6.29 -1.34
N TRP B 72 29.72 6.42 -2.54
CA TRP B 72 29.54 5.27 -3.41
C TRP B 72 30.84 4.92 -4.11
N LEU B 73 31.07 3.64 -4.30
CA LEU B 73 32.18 3.17 -5.13
C LEU B 73 31.78 3.42 -6.60
N ASP B 74 32.62 4.14 -7.32
CA ASP B 74 32.48 4.35 -8.77
C ASP B 74 32.83 3.12 -9.63
N SER B 75 31.83 2.61 -10.33
CA SER B 75 31.97 1.41 -11.17
C SER B 75 32.98 1.54 -12.30
N ALA B 76 33.20 2.77 -12.77
CA ALA B 76 34.10 3.02 -13.91
C ALA B 76 35.59 3.09 -13.53
N LYS B 77 35.89 3.34 -12.26
CA LYS B 77 37.26 3.63 -11.84
C LYS B 77 37.89 2.49 -11.06
N GLU B 78 39.21 2.46 -11.08
CA GLU B 78 39.98 1.53 -10.25
C GLU B 78 39.59 1.68 -8.77
N ILE B 79 39.38 0.55 -8.11
CA ILE B 79 38.99 0.56 -6.71
C ILE B 79 40.14 1.13 -5.85
N LYS B 80 41.38 0.77 -6.21
CA LYS B 80 42.59 1.18 -5.50
C LYS B 80 42.66 2.71 -5.36
N LYS B 81 42.17 3.42 -6.35
CA LYS B 81 42.20 4.87 -6.32
C LYS B 81 41.17 5.48 -5.38
N GLN B 82 40.20 4.69 -4.93
CA GLN B 82 39.04 5.24 -4.22
C GLN B 82 38.94 4.88 -2.77
N VAL B 83 39.74 3.88 -2.36
CA VAL B 83 39.72 3.31 -1.01
C VAL B 83 41.15 3.24 -0.44
N ARG B 84 41.26 3.44 0.87
CA ARG B 84 42.54 3.28 1.58
C ARG B 84 42.38 2.09 2.52
N GLY B 85 43.50 1.58 3.03
CA GLY B 85 43.48 0.45 3.94
C GLY B 85 43.52 -0.90 3.26
N VAL B 86 43.83 -1.93 4.06
CA VAL B 86 43.74 -3.35 3.65
C VAL B 86 43.09 -4.21 4.78
N PRO B 87 41.97 -4.91 4.50
CA PRO B 87 41.29 -5.07 3.25
C PRO B 87 40.48 -3.84 2.85
N TRP B 88 39.84 -3.96 1.70
CA TRP B 88 38.94 -2.96 1.21
C TRP B 88 37.53 -3.35 1.70
N ASN B 89 36.92 -2.48 2.49
CA ASN B 89 35.63 -2.73 3.15
C ASN B 89 34.54 -1.94 2.47
N PHE B 90 33.40 -2.59 2.26
CA PHE B 90 32.22 -2.00 1.64
C PHE B 90 30.93 -2.57 2.23
N THR B 91 29.87 -1.77 2.15
CA THR B 91 28.50 -2.19 2.38
CA THR B 91 28.51 -2.26 2.36
C THR B 91 27.76 -2.34 1.04
N PHE B 92 26.99 -3.40 0.87
CA PHE B 92 26.12 -3.52 -0.27
C PHE B 92 24.78 -2.87 0.02
N ASN B 93 24.37 -1.88 -0.79
CA ASN B 93 23.16 -1.09 -0.55
C ASN B 93 22.36 -0.84 -1.81
N VAL B 94 21.08 -0.52 -1.63
CA VAL B 94 20.28 0.06 -2.68
C VAL B 94 20.80 1.45 -2.88
N LYS B 95 21.11 1.78 -4.14
CA LYS B 95 21.55 3.12 -4.55
C LYS B 95 20.41 3.94 -5.12
N PHE B 96 19.70 3.37 -6.08
CA PHE B 96 18.50 3.98 -6.63
C PHE B 96 17.22 3.26 -6.20
N TYR B 97 16.44 3.93 -5.34
CA TYR B 97 15.25 3.29 -4.82
C TYR B 97 14.12 3.43 -5.89
N PRO B 98 13.61 2.31 -6.42
CA PRO B 98 12.63 2.46 -7.46
C PRO B 98 11.33 3.04 -6.91
N PRO B 99 10.77 4.06 -7.60
CA PRO B 99 9.46 4.63 -7.25
C PRO B 99 8.33 3.60 -7.30
N ASP B 100 8.49 2.59 -8.13
CA ASP B 100 7.49 1.54 -8.37
C ASP B 100 8.08 0.12 -8.29
N PRO B 101 8.42 -0.35 -7.10
CA PRO B 101 9.05 -1.66 -6.92
C PRO B 101 8.31 -2.85 -7.49
N ALA B 102 6.97 -2.75 -7.59
CA ALA B 102 6.12 -3.79 -8.19
C ALA B 102 6.49 -4.10 -9.61
N GLN B 103 7.10 -3.12 -10.27
CA GLN B 103 7.49 -3.20 -11.66
CA GLN B 103 7.47 -3.27 -11.67
C GLN B 103 8.92 -3.75 -11.83
N LEU B 104 9.66 -3.94 -10.73
CA LEU B 104 10.95 -4.68 -10.84
C LEU B 104 10.64 -6.09 -11.41
N THR B 105 11.58 -6.71 -12.12
CA THR B 105 11.30 -7.94 -12.83
C THR B 105 11.28 -9.19 -11.94
N GLU B 106 12.06 -9.23 -10.84
CA GLU B 106 12.23 -10.42 -10.05
C GLU B 106 11.88 -10.21 -8.60
N ASP B 107 11.18 -11.17 -8.03
CA ASP B 107 10.93 -11.16 -6.60
C ASP B 107 12.22 -11.00 -5.75
N ILE B 108 13.35 -11.63 -6.14
CA ILE B 108 14.56 -11.53 -5.30
CA ILE B 108 14.55 -11.53 -5.29
C ILE B 108 15.06 -10.08 -5.16
N THR B 109 14.92 -9.29 -6.22
CA THR B 109 15.24 -7.84 -6.18
C THR B 109 14.42 -7.10 -5.16
N ARG B 110 13.14 -7.41 -5.09
CA ARG B 110 12.25 -6.85 -4.08
C ARG B 110 12.61 -7.28 -2.68
N TYR B 111 13.05 -8.53 -2.48
CA TYR B 111 13.60 -9.03 -1.20
C TYR B 111 14.74 -8.18 -0.72
N TYR B 112 15.75 -7.95 -1.57
CA TYR B 112 16.90 -7.13 -1.16
C TYR B 112 16.48 -5.70 -0.82
N LEU B 113 15.52 -5.16 -1.59
CA LEU B 113 15.02 -3.80 -1.35
C LEU B 113 14.33 -3.74 -0.02
N CYS B 114 13.53 -4.76 0.30
CA CYS B 114 12.93 -4.87 1.63
C CYS B 114 13.94 -4.92 2.73
N LEU B 115 15.01 -5.71 2.54
CA LEU B 115 16.06 -5.75 3.56
C LEU B 115 16.64 -4.37 3.77
N GLN B 116 16.90 -3.66 2.68
CA GLN B 116 17.48 -2.29 2.82
C GLN B 116 16.51 -1.41 3.62
N LEU B 117 15.24 -1.46 3.26
CA LEU B 117 14.23 -0.65 3.92
C LEU B 117 14.04 -0.99 5.39
N ARG B 118 14.06 -2.27 5.74
CA ARG B 118 14.08 -2.68 7.12
C ARG B 118 15.23 -2.05 7.91
N GLN B 119 16.42 -2.01 7.31
CA GLN B 119 17.56 -1.36 7.92
C GLN B 119 17.34 0.15 8.07
N ASP B 120 16.81 0.78 7.03
CA ASP B 120 16.51 2.25 7.03
C ASP B 120 15.54 2.52 8.18
N ILE B 121 14.56 1.64 8.37
CA ILE B 121 13.58 1.79 9.47
C ILE B 121 14.25 1.68 10.81
N VAL B 122 15.04 0.62 11.01
CA VAL B 122 15.62 0.38 12.27
C VAL B 122 16.63 1.50 12.62
N ALA B 123 17.30 2.05 11.61
CA ALA B 123 18.26 3.12 11.79
C ALA B 123 17.63 4.47 12.17
N GLY B 124 16.31 4.60 12.09
CA GLY B 124 15.64 5.89 12.30
C GLY B 124 15.56 6.76 11.03
N ARG B 125 16.01 6.24 9.89
CA ARG B 125 16.08 7.03 8.67
C ARG B 125 14.78 7.03 7.86
N LEU B 126 13.84 6.16 8.19
CA LEU B 126 12.57 6.09 7.48
C LEU B 126 11.49 6.19 8.56
N PRO B 127 11.29 7.42 9.08
CA PRO B 127 10.30 7.65 10.14
C PRO B 127 8.84 7.41 9.65
N CYS B 128 8.06 6.85 10.57
CA CYS B 128 6.72 6.28 10.32
C CYS B 128 5.86 6.61 11.54
N SER B 129 4.55 6.58 11.34
CA SER B 129 3.59 6.54 12.41
C SER B 129 3.64 5.16 13.03
N PHE B 130 3.10 5.02 14.24
CA PHE B 130 2.93 3.70 14.85
C PHE B 130 2.15 2.74 13.94
N ALA B 131 1.01 3.21 13.44
CA ALA B 131 0.20 2.44 12.50
C ALA B 131 1.04 1.89 11.31
N THR B 132 1.79 2.76 10.67
CA THR B 132 2.59 2.39 9.53
C THR B 132 3.72 1.43 9.92
N LEU B 133 4.41 1.68 11.03
CA LEU B 133 5.46 0.73 11.52
C LEU B 133 4.89 -0.64 11.77
N ALA B 134 3.72 -0.72 12.40
CA ALA B 134 3.13 -2.01 12.68
C ALA B 134 2.68 -2.72 11.40
N LEU B 135 2.18 -1.96 10.41
CA LEU B 135 1.77 -2.54 9.12
C LEU B 135 2.95 -3.09 8.36
N LEU B 136 3.99 -2.25 8.21
CA LEU B 136 5.22 -2.68 7.60
C LEU B 136 5.79 -3.88 8.33
N GLY B 137 5.76 -3.84 9.67
CA GLY B 137 6.31 -4.95 10.49
C GLY B 137 5.59 -6.27 10.26
N SER B 138 4.27 -6.20 10.09
CA SER B 138 3.43 -7.38 9.85
C SER B 138 3.78 -8.02 8.50
N TYR B 139 4.12 -7.21 7.50
CA TYR B 139 4.55 -7.79 6.22
C TYR B 139 5.95 -8.38 6.27
N THR B 140 6.80 -7.80 7.12
CA THR B 140 8.12 -8.35 7.36
C THR B 140 7.96 -9.75 7.98
N ILE B 141 7.11 -9.85 8.98
CA ILE B 141 6.87 -11.10 9.71
C ILE B 141 6.24 -12.13 8.78
N GLN B 142 5.26 -11.75 7.98
CA GLN B 142 4.60 -12.69 7.09
C GLN B 142 5.61 -13.22 6.08
N SER B 143 6.50 -12.34 5.60
CA SER B 143 7.51 -12.70 4.62
C SER B 143 8.55 -13.66 5.16
N GLU B 144 8.93 -13.46 6.42
CA GLU B 144 9.97 -14.24 7.04
C GLU B 144 9.46 -15.56 7.65
N LEU B 145 8.23 -15.60 8.16
CA LEU B 145 7.67 -16.74 8.91
C LEU B 145 6.48 -17.39 8.24
N GLY B 146 5.86 -16.69 7.30
CA GLY B 146 4.60 -17.15 6.74
C GLY B 146 3.47 -16.97 7.74
N ASP B 147 2.37 -17.71 7.55
CA ASP B 147 1.16 -17.53 8.34
C ASP B 147 1.49 -17.85 9.82
N TYR B 148 0.85 -17.13 10.74
CA TYR B 148 0.96 -17.46 12.15
C TYR B 148 0.51 -18.91 12.37
N ASP B 149 1.31 -19.61 13.14
CA ASP B 149 1.10 -21.02 13.52
C ASP B 149 1.46 -21.12 15.02
N PRO B 150 0.45 -21.32 15.89
CA PRO B 150 0.74 -21.39 17.34
C PRO B 150 1.69 -22.49 17.76
N GLU B 151 1.79 -23.54 16.93
CA GLU B 151 2.73 -24.62 17.13
C GLU B 151 4.16 -24.15 17.01
N LEU B 152 4.42 -23.26 16.06
CA LEU B 152 5.80 -22.89 15.79
C LEU B 152 6.17 -21.51 16.34
N HIS B 153 5.20 -20.62 16.43
CA HIS B 153 5.46 -19.22 16.78
C HIS B 153 5.05 -18.97 18.22
N GLY B 154 6.08 -18.91 19.08
CA GLY B 154 5.90 -18.88 20.53
C GLY B 154 5.62 -17.48 21.03
N VAL B 155 5.44 -17.37 22.34
CA VAL B 155 5.15 -16.09 23.01
C VAL B 155 5.89 -14.86 22.46
N ASP B 156 7.20 -14.96 22.23
CA ASP B 156 7.98 -13.77 21.88
C ASP B 156 8.46 -13.76 20.42
N TYR B 157 7.67 -14.39 19.53
CA TYR B 157 8.08 -14.62 18.16
C TYR B 157 8.39 -13.36 17.36
N VAL B 158 7.68 -12.27 17.62
CA VAL B 158 7.91 -10.99 16.89
C VAL B 158 9.17 -10.30 17.39
N SER B 159 9.48 -10.52 18.69
CA SER B 159 10.66 -9.94 19.35
C SER B 159 11.94 -10.36 18.72
N ASP B 160 11.88 -11.45 17.97
CA ASP B 160 13.10 -11.96 17.33
C ASP B 160 13.60 -11.08 16.17
N PHE B 161 12.74 -10.15 15.68
CA PHE B 161 13.01 -9.29 14.51
C PHE B 161 13.12 -7.82 14.89
N LYS B 162 13.94 -7.08 14.15
CA LYS B 162 14.08 -5.65 14.31
C LYS B 162 13.09 -4.94 13.36
N LEU B 163 12.08 -4.32 13.97
CA LEU B 163 10.97 -3.76 13.25
C LEU B 163 10.84 -2.22 13.48
N ALA B 164 11.60 -1.66 14.40
CA ALA B 164 11.46 -0.24 14.75
C ALA B 164 12.74 0.26 15.36
N PRO B 165 12.95 1.57 15.33
CA PRO B 165 14.15 2.09 15.97
C PRO B 165 14.23 1.78 17.45
N ASN B 166 13.14 1.99 18.20
CA ASN B 166 13.09 1.59 19.61
C ASN B 166 11.86 0.77 19.85
N GLN B 167 11.98 -0.52 19.62
CA GLN B 167 10.85 -1.45 19.61
C GLN B 167 10.24 -1.70 21.00
N THR B 168 8.90 -1.67 21.07
CA THR B 168 8.15 -1.74 22.31
C THR B 168 7.17 -2.91 22.30
N LYS B 169 6.71 -3.34 23.47
CA LYS B 169 5.71 -4.40 23.52
C LYS B 169 4.41 -3.99 22.77
N GLU B 170 4.06 -2.70 22.76
CA GLU B 170 2.78 -2.24 22.15
C GLU B 170 2.86 -2.43 20.64
N LEU B 171 4.02 -2.09 20.06
CA LEU B 171 4.23 -2.25 18.64
C LEU B 171 4.18 -3.74 18.25
N GLU B 172 4.95 -4.57 18.96
CA GLU B 172 4.93 -6.01 18.70
C GLU B 172 3.52 -6.62 18.78
N GLU B 173 2.71 -6.18 19.73
CA GLU B 173 1.31 -6.68 19.88
C GLU B 173 0.43 -6.39 18.67
N LYS B 174 0.59 -5.19 18.13
CA LYS B 174 -0.13 -4.74 16.92
C LYS B 174 0.37 -5.52 15.72
N VAL B 175 1.67 -5.73 15.67
CA VAL B 175 2.25 -6.44 14.55
C VAL B 175 1.69 -7.87 14.55
N MET B 176 1.58 -8.48 15.73
CA MET B 176 0.98 -9.82 15.88
C MET B 176 -0.45 -9.86 15.45
N GLU B 177 -1.22 -8.94 15.95
CA GLU B 177 -2.61 -8.84 15.58
C GLU B 177 -2.81 -8.82 14.04
N LEU B 178 -1.99 -8.05 13.34
CA LEU B 178 -2.13 -7.92 11.85
C LEU B 178 -1.65 -9.22 11.19
N HIS B 179 -0.46 -9.67 11.61
CA HIS B 179 0.13 -10.91 11.13
C HIS B 179 -0.86 -12.09 11.21
N LYS B 180 -1.53 -12.24 12.36
CA LYS B 180 -2.47 -13.37 12.53
C LYS B 180 -3.70 -13.26 11.64
N SER B 181 -3.97 -12.10 11.07
CA SER B 181 -5.10 -11.91 10.14
C SER B 181 -4.78 -12.32 8.68
N TYR B 182 -3.52 -12.56 8.38
CA TYR B 182 -3.15 -12.82 6.98
C TYR B 182 -3.32 -14.28 6.64
N ARG B 183 -3.75 -14.53 5.40
CA ARG B 183 -3.85 -15.88 4.78
C ARG B 183 -3.40 -15.77 3.31
N SER B 184 -2.93 -16.87 2.79
CA SER B 184 -2.57 -16.95 1.39
C SER B 184 -1.74 -15.77 0.95
N MET B 185 -0.62 -15.59 1.63
CA MET B 185 0.29 -14.51 1.33
C MET B 185 1.70 -15.07 1.36
N THR B 186 2.24 -15.26 0.15
CA THR B 186 3.59 -15.77 0.03
C THR B 186 4.61 -14.71 0.45
N PRO B 187 5.87 -15.08 0.59
CA PRO B 187 6.91 -14.03 0.88
C PRO B 187 6.93 -12.92 -0.15
N ALA B 188 6.90 -13.28 -1.44
CA ALA B 188 6.85 -12.28 -2.52
C ALA B 188 5.58 -11.37 -2.41
N GLN B 189 4.42 -11.94 -2.08
CA GLN B 189 3.19 -11.18 -1.93
C GLN B 189 3.27 -10.21 -0.76
N ALA B 190 3.82 -10.67 0.36
CA ALA B 190 4.03 -9.82 1.54
C ALA B 190 4.97 -8.62 1.22
N ASP B 191 6.03 -8.91 0.50
CA ASP B 191 7.02 -7.91 0.08
C ASP B 191 6.35 -6.88 -0.78
N LEU B 192 5.45 -7.29 -1.66
CA LEU B 192 4.79 -6.32 -2.52
C LEU B 192 3.96 -5.34 -1.72
N GLU B 193 3.33 -5.84 -0.68
CA GLU B 193 2.48 -5.00 0.16
C GLU B 193 3.34 -4.12 1.10
N PHE B 194 4.45 -4.68 1.60
CA PHE B 194 5.40 -3.90 2.40
C PHE B 194 5.82 -2.71 1.52
N LEU B 195 6.22 -3.01 0.30
CA LEU B 195 6.68 -1.97 -0.62
C LEU B 195 5.61 -0.95 -1.07
N GLU B 196 4.38 -1.41 -1.30
CA GLU B 196 3.27 -0.51 -1.66
C GLU B 196 3.10 0.60 -0.64
N ASN B 197 3.27 0.22 0.62
CA ASN B 197 3.21 1.12 1.77
C ASN B 197 4.48 1.97 1.98
N ALA B 198 5.63 1.32 1.90
CA ALA B 198 6.89 2.00 2.11
C ALA B 198 7.17 3.02 1.05
N LYS B 199 6.79 2.77 -0.22
CA LYS B 199 7.22 3.61 -1.32
C LYS B 199 6.59 5.01 -1.24
N LYS B 200 5.49 5.13 -0.48
CA LYS B 200 4.78 6.38 -0.33
C LYS B 200 5.34 7.27 0.79
N LEU B 201 6.24 6.74 1.62
CA LEU B 201 6.74 7.50 2.80
C LEU B 201 7.65 8.64 2.41
N SER B 202 7.55 9.72 3.18
CA SER B 202 8.23 10.96 2.86
C SER B 202 9.72 10.76 2.65
N MET B 203 10.34 9.92 3.47
CA MET B 203 11.77 9.76 3.44
C MET B 203 12.22 8.52 2.63
N TYR B 204 11.30 7.89 1.90
CA TYR B 204 11.66 6.68 1.10
C TYR B 204 12.75 6.99 0.07
N GLY B 205 13.88 6.32 0.24
CA GLY B 205 14.99 6.43 -0.69
C GLY B 205 15.63 7.80 -0.80
N VAL B 206 15.65 8.56 0.29
CA VAL B 206 16.21 9.93 0.34
C VAL B 206 17.62 9.84 0.98
N ASP B 207 18.65 10.17 0.20
CA ASP B 207 20.09 10.21 0.65
C ASP B 207 20.39 11.55 1.23
N LEU B 208 20.78 11.62 2.50
CA LEU B 208 20.90 12.92 3.14
C LEU B 208 22.36 13.41 3.19
N HIS B 209 22.55 14.70 2.96
CA HIS B 209 23.88 15.35 2.99
C HIS B 209 23.82 16.59 3.83
N LYS B 210 24.70 16.67 4.85
CA LYS B 210 24.78 17.86 5.70
C LYS B 210 25.27 19.02 4.83
N ALA B 211 24.66 20.18 4.99
CA ALA B 211 25.09 21.40 4.30
C ALA B 211 24.72 22.60 5.16
N LYS B 212 24.96 23.81 4.66
CA LYS B 212 24.50 25.03 5.28
C LYS B 212 23.92 25.90 4.17
N ASP B 213 22.90 26.69 4.46
CA ASP B 213 22.40 27.64 3.46
C ASP B 213 23.30 28.90 3.44
N LEU B 214 23.02 29.82 2.52
CA LEU B 214 23.98 30.93 2.25
C LEU B 214 23.96 32.04 3.33
N GLU B 215 23.07 31.87 4.33
CA GLU B 215 23.08 32.68 5.55
C GLU B 215 23.92 31.97 6.67
N GLY B 216 24.31 30.71 6.44
CA GLY B 216 25.10 29.94 7.40
C GLY B 216 24.33 28.99 8.29
N VAL B 217 23.02 28.93 8.06
CA VAL B 217 22.10 28.06 8.80
C VAL B 217 22.26 26.60 8.34
N ASP B 218 22.41 25.67 9.30
CA ASP B 218 22.53 24.24 8.97
C ASP B 218 21.23 23.72 8.37
N ILE B 219 21.37 22.91 7.31
CA ILE B 219 20.25 22.26 6.62
C ILE B 219 20.71 20.86 6.22
N ILE B 220 19.79 20.05 5.69
CA ILE B 220 20.14 18.78 5.10
C ILE B 220 19.60 18.78 3.68
N LEU B 221 20.41 18.26 2.76
CA LEU B 221 20.00 18.14 1.38
C LEU B 221 19.69 16.67 1.15
N GLY B 222 18.53 16.40 0.59
CA GLY B 222 18.13 15.02 0.27
C GLY B 222 17.94 14.72 -1.19
N VAL B 223 18.66 13.70 -1.69
CA VAL B 223 18.62 13.33 -3.12
C VAL B 223 17.71 12.12 -3.23
N CYS B 224 16.73 12.16 -4.11
CA CYS B 224 15.83 11.00 -4.31
C CYS B 224 15.40 10.97 -5.73
N SER B 225 14.57 9.98 -6.08
CA SER B 225 14.10 9.87 -7.45
C SER B 225 13.31 11.07 -7.91
N SER B 226 12.62 11.74 -7.00
CA SER B 226 11.72 12.81 -7.42
C SER B 226 12.47 14.13 -7.72
N GLY B 227 13.53 14.40 -6.93
CA GLY B 227 14.32 15.64 -7.02
C GLY B 227 15.26 15.83 -5.86
N LEU B 228 15.72 17.07 -5.67
CA LEU B 228 16.55 17.45 -4.54
C LEU B 228 15.67 18.12 -3.50
N LEU B 229 15.75 17.66 -2.27
CA LEU B 229 14.94 18.22 -1.19
C LEU B 229 15.81 18.96 -0.22
N VAL B 230 15.25 19.97 0.39
CA VAL B 230 15.91 20.75 1.40
C VAL B 230 15.10 20.68 2.70
N TYR B 231 15.78 20.26 3.76
CA TYR B 231 15.23 20.21 5.12
C TYR B 231 16.00 21.14 6.07
N LYS B 232 15.26 21.79 6.96
CA LYS B 232 15.85 22.59 8.06
C LYS B 232 15.11 22.21 9.34
N ASP B 233 15.86 21.73 10.33
CA ASP B 233 15.29 21.29 11.61
C ASP B 233 14.20 20.22 11.42
N LYS B 234 14.49 19.28 10.52
CA LYS B 234 13.66 18.10 10.21
C LYS B 234 12.34 18.34 9.43
N LEU B 235 12.14 19.57 8.94
CA LEU B 235 11.00 19.86 8.05
C LEU B 235 11.51 20.18 6.66
N ARG B 236 10.71 19.80 5.66
CA ARG B 236 11.01 20.08 4.27
C ARG B 236 10.64 21.50 3.94
N ILE B 237 11.63 22.30 3.55
CA ILE B 237 11.40 23.71 3.27
C ILE B 237 11.53 24.05 1.77
N ASN B 238 12.10 23.11 1.00
CA ASN B 238 12.11 23.24 -0.46
C ASN B 238 12.18 21.89 -1.14
N ARG B 239 11.80 21.93 -2.41
CA ARG B 239 11.80 20.78 -3.28
C ARG B 239 12.11 21.30 -4.72
N PHE B 240 13.07 20.67 -5.37
CA PHE B 240 13.44 20.97 -6.74
C PHE B 240 13.34 19.66 -7.51
N PRO B 241 12.14 19.37 -8.04
CA PRO B 241 11.90 18.19 -8.81
C PRO B 241 12.83 18.16 -10.01
N TRP B 242 13.33 16.97 -10.37
CA TRP B 242 14.33 16.84 -11.47
C TRP B 242 13.88 17.49 -12.80
N PRO B 243 12.56 17.50 -13.13
CA PRO B 243 12.10 18.12 -14.37
C PRO B 243 12.24 19.64 -14.42
N LYS B 244 12.51 20.26 -13.28
CA LYS B 244 12.69 21.72 -13.18
C LYS B 244 14.18 22.08 -13.16
N VAL B 245 15.05 21.10 -12.94
CA VAL B 245 16.50 21.32 -12.81
C VAL B 245 17.25 21.38 -14.15
N LEU B 246 17.73 22.57 -14.46
CA LEU B 246 18.44 22.85 -15.68
C LEU B 246 19.91 22.46 -15.63
N LYS B 247 20.52 22.63 -14.45
CA LYS B 247 21.93 22.47 -14.28
C LYS B 247 22.25 22.29 -12.78
N ILE B 248 23.16 21.38 -12.51
CA ILE B 248 23.66 21.10 -11.15
C ILE B 248 25.15 21.37 -11.23
N SER B 249 25.72 22.10 -10.29
CA SER B 249 27.15 22.27 -10.29
C SER B 249 27.74 22.39 -8.90
N TYR B 250 29.05 22.24 -8.80
CA TYR B 250 29.79 22.52 -7.58
C TYR B 250 30.94 23.49 -7.87
N LYS B 251 31.26 24.33 -6.88
CA LYS B 251 32.42 25.19 -6.95
C LYS B 251 33.08 25.20 -5.58
N ARG B 252 34.30 24.66 -5.53
CA ARG B 252 35.05 24.56 -4.29
C ARG B 252 34.23 23.74 -3.31
N SER B 253 33.84 24.28 -2.16
CA SER B 253 33.01 23.53 -1.20
C SER B 253 31.51 23.91 -1.22
N SER B 254 31.08 24.54 -2.33
CA SER B 254 29.65 24.86 -2.53
C SER B 254 28.99 24.10 -3.67
N PHE B 255 27.66 24.01 -3.59
CA PHE B 255 26.80 23.27 -4.49
C PHE B 255 25.70 24.17 -5.01
N PHE B 256 25.38 24.07 -6.31
CA PHE B 256 24.47 25.02 -6.98
C PHE B 256 23.47 24.29 -7.85
N ILE B 257 22.22 24.72 -7.74
CA ILE B 257 21.17 24.13 -8.52
C ILE B 257 20.43 25.28 -9.24
N LYS B 258 20.35 25.16 -10.55
CA LYS B 258 19.69 26.14 -11.42
C LYS B 258 18.37 25.56 -11.86
N ILE B 259 17.31 26.33 -11.69
CA ILE B 259 15.98 25.84 -12.00
C ILE B 259 15.25 26.77 -12.96
N ARG B 260 14.50 26.14 -13.85
CA ARG B 260 13.66 26.84 -14.79
C ARG B 260 12.39 27.33 -14.11
N PRO B 261 11.83 28.46 -14.57
CA PRO B 261 10.64 29.09 -13.93
C PRO B 261 9.37 28.19 -13.85
N GLN B 266 8.92 33.90 -14.32
CA GLN B 266 9.52 34.56 -15.46
C GLN B 266 10.99 34.15 -15.65
N TYR B 267 11.65 33.75 -14.57
CA TYR B 267 13.11 33.83 -14.54
C TYR B 267 13.69 32.56 -14.11
N GLU B 268 14.74 32.11 -14.79
CA GLU B 268 15.60 31.07 -14.19
C GLU B 268 16.17 31.66 -12.90
N SER B 269 16.53 30.78 -11.98
CA SER B 269 17.21 31.15 -10.74
C SER B 269 18.12 30.02 -10.29
N THR B 270 19.14 30.35 -9.50
CA THR B 270 20.12 29.39 -9.04
C THR B 270 20.13 29.49 -7.51
N ILE B 271 20.16 28.34 -6.86
CA ILE B 271 20.20 28.21 -5.39
C ILE B 271 21.52 27.58 -4.97
N GLY B 272 22.18 28.19 -4.00
CA GLY B 272 23.52 27.77 -3.55
C GLY B 272 23.50 27.18 -2.15
N PHE B 273 24.30 26.14 -1.92
CA PHE B 273 24.55 25.62 -0.57
C PHE B 273 26.06 25.44 -0.28
N LYS B 274 26.44 25.66 0.98
CA LYS B 274 27.80 25.47 1.44
C LYS B 274 27.91 24.08 2.10
N LEU B 275 28.77 23.23 1.55
CA LEU B 275 28.95 21.90 2.05
C LEU B 275 30.23 21.90 2.97
N PRO B 276 30.39 20.86 3.81
CA PRO B 276 31.46 20.94 4.79
C PRO B 276 32.85 20.91 4.20
N SER B 277 32.99 20.45 2.95
CA SER B 277 34.32 20.26 2.33
C SER B 277 34.24 20.15 0.81
N TYR B 278 35.40 20.26 0.19
CA TYR B 278 35.59 20.08 -1.26
C TYR B 278 35.09 18.72 -1.68
N ARG B 279 35.49 17.72 -0.92
CA ARG B 279 35.08 16.35 -1.15
C ARG B 279 33.54 16.22 -1.16
N ALA B 280 32.87 16.89 -0.20
CA ALA B 280 31.43 16.71 0.02
C ALA B 280 30.63 17.37 -1.06
N ALA B 281 31.09 18.54 -1.49
CA ALA B 281 30.46 19.26 -2.58
C ALA B 281 30.45 18.48 -3.85
N LYS B 282 31.62 17.97 -4.27
CA LYS B 282 31.74 17.17 -5.50
C LYS B 282 30.91 15.87 -5.40
N LYS B 283 31.02 15.18 -4.26
CA LYS B 283 30.25 13.96 -4.00
C LYS B 283 28.78 14.23 -4.22
N LEU B 284 28.26 15.31 -3.64
CA LEU B 284 26.82 15.61 -3.78
C LEU B 284 26.41 15.90 -5.23
N TRP B 285 27.19 16.72 -5.92
CA TRP B 285 26.98 16.97 -7.36
C TRP B 285 26.95 15.65 -8.13
N LYS B 286 27.95 14.80 -7.88
CA LYS B 286 28.07 13.55 -8.65
C LYS B 286 26.83 12.66 -8.46
N VAL B 287 26.34 12.56 -7.24
CA VAL B 287 25.20 11.68 -6.95
C VAL B 287 23.90 12.29 -7.46
N CYS B 288 23.79 13.63 -7.50
CA CYS B 288 22.60 14.28 -8.08
C CYS B 288 22.53 14.08 -9.57
N VAL B 289 23.65 14.25 -10.25
CA VAL B 289 23.78 13.93 -11.67
C VAL B 289 23.42 12.48 -11.93
N GLU B 290 23.88 11.58 -11.08
CA GLU B 290 23.55 10.16 -11.25
C GLU B 290 22.07 9.89 -11.10
N HIS B 291 21.42 10.59 -10.17
CA HIS B 291 19.99 10.39 -9.93
C HIS B 291 19.16 10.97 -11.03
N HIS B 292 19.46 12.23 -11.37
CA HIS B 292 18.78 12.93 -12.47
C HIS B 292 18.84 12.09 -13.73
N THR B 293 20.02 11.53 -14.00
CA THR B 293 20.22 10.67 -15.17
C THR B 293 19.43 9.35 -15.10
N PHE B 294 19.54 8.65 -13.98
CA PHE B 294 18.87 7.35 -13.80
C PHE B 294 17.35 7.51 -13.86
N PHE B 295 16.80 8.58 -13.29
CA PHE B 295 15.34 8.64 -13.06
C PHE B 295 14.54 9.40 -14.12
N ARG B 296 15.23 10.04 -15.05
CA ARG B 296 14.60 10.64 -16.22
C ARG B 296 13.86 9.56 -17.00
UNK UNX C . -12.04 -2.11 13.44
UNK UNX D . -23.66 -4.80 -14.81
UNK UNX E . -22.49 -31.14 5.55
UNK UNX F . -32.63 -22.60 6.15
UNK UNX G . -26.12 -26.16 10.80
UNK UNX H . -12.66 11.77 -18.38
UNK UNX I . -9.72 3.68 0.20
UNK UNX J . -31.60 0.44 -4.57
UNK UNX K . -18.00 -3.36 -5.39
UNK UNX L . -10.52 5.97 -6.98
UNK UNX M . 23.91 -15.16 -1.55
UNK UNX N . 10.78 -13.45 -9.65
UNK UNX O . 4.91 -15.81 3.57
UNK UNX P . 16.11 -8.86 12.05
UNK UNX Q . -2.66 1.16 14.90
UNK UNX R . 17.60 0.04 -15.16
UNK UNX S . 23.86 19.29 -14.63
UNK UNX T . 7.86 -9.46 -4.16
UNK UNX U . 0.70 -8.62 -2.67
#